data_4AVA
#
_entry.id   4AVA
#
_cell.length_a   61.418
_cell.length_b   65.447
_cell.length_c   77.761
_cell.angle_alpha   90.00
_cell.angle_beta   90.00
_cell.angle_gamma   90.00
#
_symmetry.space_group_name_H-M   'P 21 21 21'
#
loop_
_entity.id
_entity.type
_entity.pdbx_description
1 polymer 'LYSINE ACETYLTRANSFERASE'
2 non-polymer 'ACETYL COENZYME *A'
3 non-polymer 'ACETATE ION'
4 non-polymer 1,2-ETHANEDIOL
5 non-polymer DI(HYDROXYETHYL)ETHER
6 non-polymer 'MAGNESIUM ION'
7 water water
#
_entity_poly.entity_id   1
_entity_poly.type   'polypeptide(L)'
_entity_poly.pdbx_seq_one_letter_code
;MDGIAELTGARVEDLAGMDVFQGCPAEGLVSLAASVQPLRAAAGQVLLRQGEPAVSFLLISSGSAEVSHVGDDGVAIIAR
ALPGMIVGEIALLRDSPRSATVTTIEPLTGWTGGRGAFATMVHIPGVGERLLRTARQRLAAFVSPIPVRLADGTQLMLRP
VLPGDRERTVHGHIQFSGETLYRRFMSARVPSPALMHYLSEVDYVDHFVWVVTDGSDPVADARFVRDETDPTVAEIAFTV
ADAYQGRGIGSFLIGALSVAARVDGVERFAARMLSDNVPMRTIMDRYGAVWQREDVGVITTMIDVPGPGELSLGREMVDQ
INRVARQVIEAVG
;
_entity_poly.pdbx_strand_id   A
#
loop_
_chem_comp.id
_chem_comp.type
_chem_comp.name
_chem_comp.formula
ACO non-polymer 'ACETYL COENZYME *A' 'C23 H38 N7 O17 P3 S'
ACT non-polymer 'ACETATE ION' 'C2 H3 O2 -1'
EDO non-polymer 1,2-ETHANEDIOL 'C2 H6 O2'
MG non-polymer 'MAGNESIUM ION' 'Mg 2'
PEG non-polymer DI(HYDROXYETHYL)ETHER 'C4 H10 O3'
#
# COMPACT_ATOMS: atom_id res chain seq x y z
N ASP A 2 -25.43 -8.74 42.27
CA ASP A 2 -26.64 -9.57 42.36
C ASP A 2 -27.31 -9.76 41.00
N GLY A 3 -28.45 -9.12 40.83
CA GLY A 3 -29.30 -9.26 39.66
C GLY A 3 -29.17 -8.10 38.68
N ILE A 4 -28.04 -7.40 38.71
CA ILE A 4 -27.88 -6.18 37.92
C ILE A 4 -27.61 -6.43 36.44
N ALA A 5 -28.00 -5.46 35.62
CA ALA A 5 -27.80 -5.54 34.18
C ALA A 5 -26.37 -5.20 33.81
N GLU A 6 -25.89 -5.77 32.71
CA GLU A 6 -24.53 -5.52 32.26
C GLU A 6 -24.44 -5.24 30.77
N LEU A 7 -23.35 -4.60 30.36
CA LEU A 7 -23.09 -4.35 28.95
C LEU A 7 -22.74 -5.66 28.28
N THR A 8 -23.12 -5.84 27.02
CA THR A 8 -22.66 -7.01 26.27
C THR A 8 -21.50 -6.78 25.32
N GLY A 9 -21.08 -5.54 25.15
CA GLY A 9 -20.11 -5.27 24.11
C GLY A 9 -18.70 -5.26 24.63
N ALA A 10 -17.87 -4.49 23.96
CA ALA A 10 -16.47 -4.31 24.32
C ALA A 10 -16.39 -3.53 25.62
N ARG A 11 -15.41 -3.88 26.46
CA ARG A 11 -15.17 -3.15 27.69
C ARG A 11 -13.98 -2.22 27.51
N VAL A 12 -14.13 -0.98 27.97
CA VAL A 12 -13.04 0.00 27.90
C VAL A 12 -11.80 -0.53 28.60
N GLU A 13 -12.02 -1.24 29.71
CA GLU A 13 -10.92 -1.78 30.48
C GLU A 13 -10.03 -2.72 29.67
N ASP A 14 -10.64 -3.45 28.75
CA ASP A 14 -9.90 -4.39 27.92
C ASP A 14 -9.20 -3.65 26.81
N LEU A 15 -9.92 -2.73 26.16
CA LEU A 15 -9.33 -1.91 25.09
C LEU A 15 -8.15 -1.13 25.61
N ALA A 16 -8.32 -0.48 26.76
CA ALA A 16 -7.28 0.35 27.35
C ALA A 16 -6.03 -0.43 27.74
N GLY A 17 -6.13 -1.75 27.82
CA GLY A 17 -4.97 -2.57 28.13
C GLY A 17 -4.00 -2.61 26.96
N MET A 18 -4.52 -2.44 25.75
CA MET A 18 -3.69 -2.48 24.55
C MET A 18 -2.80 -1.23 24.46
N ASP A 19 -1.55 -1.44 24.07
CA ASP A 19 -0.60 -0.35 24.16
C ASP A 19 -0.96 0.81 23.28
N VAL A 20 -1.52 0.52 22.11
CA VAL A 20 -1.92 1.57 21.19
C VAL A 20 -2.91 2.58 21.81
N PHE A 21 -3.77 2.15 22.75
CA PHE A 21 -4.73 3.06 23.40
C PHE A 21 -4.31 3.59 24.75
N GLN A 22 -3.18 3.13 25.27
CA GLN A 22 -2.85 3.53 26.63
C GLN A 22 -2.58 5.04 26.65
N GLY A 23 -3.24 5.74 27.58
CA GLY A 23 -3.03 7.17 27.71
C GLY A 23 -3.95 8.02 26.85
N CYS A 24 -4.73 7.38 25.98
CA CYS A 24 -5.68 8.10 25.14
C CYS A 24 -6.81 8.70 25.97
N PRO A 25 -7.44 9.77 25.45
CA PRO A 25 -8.55 10.42 26.18
C PRO A 25 -9.64 9.39 26.48
N ALA A 26 -10.20 9.44 27.68
CA ALA A 26 -11.14 8.42 28.12
C ALA A 26 -12.36 8.41 27.22
N GLU A 27 -12.79 9.59 26.78
CA GLU A 27 -14.05 9.66 26.06
C GLU A 27 -13.92 8.98 24.70
N GLY A 28 -12.69 9.00 24.18
CA GLY A 28 -12.39 8.36 22.92
C GLY A 28 -12.54 6.87 23.04
N LEU A 29 -12.13 6.31 24.18
CA LEU A 29 -12.22 4.87 24.36
C LEU A 29 -13.69 4.45 24.63
N VAL A 30 -14.43 5.29 25.35
CA VAL A 30 -15.86 5.02 25.60
C VAL A 30 -16.57 4.87 24.26
N SER A 31 -16.34 5.82 23.36
CA SER A 31 -16.90 5.76 22.00
CA SER A 31 -16.92 5.74 22.02
C SER A 31 -16.45 4.50 21.28
N LEU A 32 -15.15 4.22 21.32
CA LEU A 32 -14.66 3.05 20.59
C LEU A 32 -15.26 1.77 21.16
N ALA A 33 -15.31 1.68 22.49
CA ALA A 33 -15.79 0.45 23.12
C ALA A 33 -17.21 0.16 22.63
N ALA A 34 -17.95 1.23 22.38
CA ALA A 34 -19.33 1.11 21.93
C ALA A 34 -19.39 0.58 20.50
N SER A 35 -18.30 0.79 19.77
CA SER A 35 -18.23 0.45 18.35
C SER A 35 -17.61 -0.87 17.89
N VAL A 36 -16.92 -1.59 18.78
CA VAL A 36 -16.24 -2.81 18.36
C VAL A 36 -16.75 -3.99 19.15
N GLN A 37 -16.53 -5.19 18.62
CA GLN A 37 -16.98 -6.39 19.32
C GLN A 37 -15.81 -7.30 19.69
N PRO A 38 -15.93 -7.95 20.86
CA PRO A 38 -14.95 -8.95 21.30
C PRO A 38 -14.89 -10.13 20.35
N LEU A 39 -13.69 -10.64 20.12
CA LEU A 39 -13.49 -11.88 19.37
C LEU A 39 -12.54 -12.83 20.10
N ARG A 40 -12.97 -14.09 20.26
CA ARG A 40 -12.14 -15.12 20.84
C ARG A 40 -12.10 -16.33 19.90
N ALA A 41 -10.92 -16.70 19.45
CA ALA A 41 -10.79 -17.78 18.47
C ALA A 41 -9.85 -18.87 18.97
N ALA A 42 -10.19 -20.12 18.66
CA ALA A 42 -9.28 -21.22 18.91
C ALA A 42 -8.16 -21.18 17.87
N ALA A 43 -7.22 -22.11 17.96
CA ALA A 43 -6.19 -22.21 16.95
C ALA A 43 -6.76 -22.89 15.70
N GLY A 44 -6.13 -22.65 14.56
CA GLY A 44 -6.51 -23.31 13.32
C GLY A 44 -7.89 -22.93 12.81
N GLN A 45 -8.39 -21.78 13.27
CA GLN A 45 -9.72 -21.31 12.92
C GLN A 45 -9.65 -20.21 11.86
N VAL A 46 -10.52 -20.30 10.86
CA VAL A 46 -10.53 -19.34 9.78
C VAL A 46 -11.40 -18.17 10.23
N LEU A 47 -10.76 -17.02 10.38
CA LEU A 47 -11.45 -15.78 10.72
C LEU A 47 -12.03 -15.01 9.54
N LEU A 48 -11.22 -14.90 8.48
CA LEU A 48 -11.58 -14.16 7.29
C LEU A 48 -11.23 -15.04 6.11
N ARG A 49 -12.04 -14.92 5.06
CA ARG A 49 -11.85 -15.72 3.87
C ARG A 49 -11.61 -14.85 2.65
N GLN A 50 -10.57 -15.17 1.89
CA GLN A 50 -10.29 -14.44 0.66
C GLN A 50 -11.51 -14.40 -0.27
N GLY A 51 -11.75 -13.24 -0.87
CA GLY A 51 -12.80 -13.11 -1.85
C GLY A 51 -14.14 -12.71 -1.25
N GLU A 52 -14.29 -12.88 0.06
CA GLU A 52 -15.57 -12.53 0.70
C GLU A 52 -15.75 -11.01 0.88
N PRO A 53 -16.99 -10.59 1.19
CA PRO A 53 -17.20 -9.16 1.40
C PRO A 53 -16.38 -8.68 2.59
N ALA A 54 -15.73 -7.52 2.52
CA ALA A 54 -14.91 -7.20 3.68
C ALA A 54 -15.73 -6.25 4.48
N VAL A 55 -16.38 -6.83 5.49
CA VAL A 55 -17.36 -6.09 6.28
C VAL A 55 -16.79 -5.62 7.60
N SER A 56 -15.55 -5.99 7.90
CA SER A 56 -14.97 -5.76 9.20
C SER A 56 -13.45 -5.77 9.13
N PHE A 57 -12.82 -5.19 10.15
CA PHE A 57 -11.38 -5.38 10.37
C PHE A 57 -11.22 -6.08 11.70
N LEU A 58 -10.05 -6.70 11.90
CA LEU A 58 -9.72 -7.32 13.16
C LEU A 58 -8.51 -6.61 13.75
N LEU A 59 -8.60 -6.30 15.04
CA LEU A 59 -7.47 -5.84 15.83
C LEU A 59 -7.10 -6.92 16.81
N ILE A 60 -5.87 -7.40 16.71
CA ILE A 60 -5.40 -8.54 17.50
C ILE A 60 -4.83 -8.09 18.84
N SER A 61 -5.47 -8.52 19.93
CA SER A 61 -4.93 -8.34 21.28
C SER A 61 -3.92 -9.42 21.71
N SER A 62 -4.16 -10.67 21.31
CA SER A 62 -3.23 -11.76 21.61
C SER A 62 -3.34 -12.88 20.57
N GLY A 63 -2.27 -13.65 20.40
CA GLY A 63 -2.23 -14.68 19.38
C GLY A 63 -1.76 -14.16 18.03
N SER A 64 -1.76 -15.03 17.03
CA SER A 64 -1.28 -14.66 15.70
C SER A 64 -1.98 -15.47 14.62
N ALA A 65 -1.88 -15.00 13.37
CA ALA A 65 -2.53 -15.68 12.27
C ALA A 65 -1.72 -15.65 10.98
N GLU A 66 -1.94 -16.68 10.16
CA GLU A 66 -1.47 -16.70 8.79
C GLU A 66 -2.39 -15.85 7.89
N VAL A 67 -1.78 -15.01 7.08
CA VAL A 67 -2.52 -14.23 6.08
C VAL A 67 -2.06 -14.73 4.72
N SER A 68 -2.96 -15.39 3.99
CA SER A 68 -2.58 -16.09 2.77
C SER A 68 -3.42 -15.62 1.58
N HIS A 69 -2.79 -14.95 0.63
CA HIS A 69 -3.45 -14.63 -0.62
C HIS A 69 -3.09 -15.66 -1.68
N VAL A 70 -4.10 -16.25 -2.32
CA VAL A 70 -3.87 -17.20 -3.39
C VAL A 70 -4.22 -16.60 -4.75
N GLY A 71 -3.23 -16.48 -5.62
CA GLY A 71 -3.45 -15.89 -6.93
C GLY A 71 -4.25 -16.83 -7.79
N ASP A 72 -4.78 -16.31 -8.89
CA ASP A 72 -5.48 -17.12 -9.90
C ASP A 72 -4.53 -18.13 -10.54
N ASP A 73 -3.23 -17.93 -10.33
CA ASP A 73 -2.23 -18.87 -10.84
C ASP A 73 -1.93 -19.92 -9.78
N GLY A 74 -2.64 -19.83 -8.66
CA GLY A 74 -2.47 -20.77 -7.57
C GLY A 74 -1.29 -20.46 -6.66
N VAL A 75 -0.47 -19.48 -7.03
CA VAL A 75 0.68 -19.12 -6.21
C VAL A 75 0.19 -18.44 -4.93
N ALA A 76 0.63 -18.95 -3.79
CA ALA A 76 0.17 -18.43 -2.50
C ALA A 76 1.19 -17.45 -1.95
N ILE A 77 0.70 -16.31 -1.52
CA ILE A 77 1.56 -15.25 -1.01
C ILE A 77 1.17 -15.00 0.44
N ILE A 78 2.11 -15.26 1.34
CA ILE A 78 1.79 -15.48 2.74
C ILE A 78 2.53 -14.56 3.70
N ALA A 79 1.77 -13.87 4.54
CA ALA A 79 2.30 -13.00 5.58
C ALA A 79 1.84 -13.51 6.93
N ARG A 80 2.14 -12.75 7.98
CA ARG A 80 1.76 -13.14 9.34
C ARG A 80 1.23 -11.94 10.09
N ALA A 81 0.14 -12.14 10.82
CA ALA A 81 -0.47 -11.07 11.63
C ALA A 81 -0.20 -11.35 13.10
N LEU A 82 0.25 -10.32 13.80
CA LEU A 82 0.82 -10.44 15.14
C LEU A 82 0.02 -9.59 16.12
N PRO A 83 0.16 -9.86 17.43
CA PRO A 83 -0.57 -9.06 18.41
C PRO A 83 -0.33 -7.56 18.24
N GLY A 84 -1.40 -6.80 18.27
CA GLY A 84 -1.36 -5.35 18.10
C GLY A 84 -1.59 -4.95 16.66
N MET A 85 -1.64 -5.94 15.78
CA MET A 85 -1.73 -5.70 14.33
C MET A 85 -3.18 -5.61 13.90
N ILE A 86 -3.45 -4.76 12.92
CA ILE A 86 -4.75 -4.70 12.25
C ILE A 86 -4.77 -5.67 11.07
N VAL A 87 -5.92 -6.32 10.83
CA VAL A 87 -6.02 -7.25 9.71
C VAL A 87 -7.29 -6.95 8.93
N GLY A 88 -7.19 -6.82 7.61
CA GLY A 88 -8.38 -6.74 6.77
C GLY A 88 -8.90 -5.34 6.51
N GLU A 89 -8.18 -4.32 6.96
CA GLU A 89 -8.76 -2.99 6.97
C GLU A 89 -8.67 -2.27 5.63
N ILE A 90 -7.74 -2.68 4.76
CA ILE A 90 -7.64 -2.03 3.47
C ILE A 90 -8.83 -2.40 2.58
N ALA A 91 -9.11 -3.69 2.44
CA ALA A 91 -10.26 -4.10 1.67
C ALA A 91 -11.55 -3.54 2.26
N LEU A 92 -11.59 -3.44 3.59
CA LEU A 92 -12.76 -2.86 4.23
C LEU A 92 -12.94 -1.43 3.75
N LEU A 93 -11.86 -0.65 3.84
CA LEU A 93 -11.92 0.77 3.46
C LEU A 93 -12.17 0.98 1.96
N ARG A 94 -11.61 0.10 1.14
CA ARG A 94 -11.83 0.20 -0.32
C ARG A 94 -13.12 -0.49 -0.78
N ASP A 95 -13.87 -1.07 0.15
CA ASP A 95 -15.03 -1.93 -0.18
C ASP A 95 -14.77 -2.94 -1.32
N SER A 96 -13.68 -3.67 -1.17
CA SER A 96 -13.29 -4.63 -2.19
C SER A 96 -13.30 -6.01 -1.52
N PRO A 97 -13.30 -7.08 -2.33
CA PRO A 97 -13.32 -8.41 -1.73
C PRO A 97 -12.10 -8.60 -0.86
N ARG A 98 -12.23 -9.39 0.20
CA ARG A 98 -11.07 -9.65 1.04
C ARG A 98 -9.88 -10.20 0.24
N SER A 99 -8.71 -9.69 0.55
CA SER A 99 -7.52 -10.00 -0.24
C SER A 99 -6.90 -11.37 0.09
N ALA A 100 -7.15 -11.84 1.30
CA ALA A 100 -6.48 -13.04 1.80
C ALA A 100 -7.33 -13.77 2.83
N THR A 101 -7.10 -15.08 2.93
CA THR A 101 -7.68 -15.90 3.99
C THR A 101 -6.84 -15.80 5.24
N VAL A 102 -7.48 -15.52 6.36
CA VAL A 102 -6.79 -15.30 7.63
C VAL A 102 -7.13 -16.43 8.59
N THR A 103 -6.14 -17.25 8.90
CA THR A 103 -6.33 -18.40 9.78
C THR A 103 -5.42 -18.32 11.02
N THR A 104 -6.01 -18.48 12.20
CA THR A 104 -5.22 -18.37 13.42
C THR A 104 -4.18 -19.51 13.47
N ILE A 105 -2.96 -19.19 13.90
CA ILE A 105 -1.86 -20.15 14.05
C ILE A 105 -1.76 -20.65 15.51
N GLU A 106 -2.64 -20.13 16.35
CA GLU A 106 -2.61 -20.35 17.79
C GLU A 106 -3.81 -19.61 18.35
N PRO A 107 -4.17 -19.88 19.63
CA PRO A 107 -5.33 -19.18 20.20
C PRO A 107 -5.21 -17.69 20.04
N LEU A 108 -6.31 -17.05 19.65
CA LEU A 108 -6.32 -15.63 19.35
C LEU A 108 -7.46 -14.87 20.03
N THR A 109 -7.19 -13.63 20.42
CA THR A 109 -8.23 -12.71 20.90
C THR A 109 -8.01 -11.32 20.30
N GLY A 110 -9.07 -10.53 20.25
CA GLY A 110 -9.02 -9.20 19.66
C GLY A 110 -10.39 -8.55 19.59
N TRP A 111 -10.56 -7.56 18.70
CA TRP A 111 -11.88 -6.99 18.44
C TRP A 111 -12.13 -6.90 16.96
N THR A 112 -13.40 -6.90 16.61
CA THR A 112 -13.81 -6.66 15.24
C THR A 112 -14.65 -5.40 15.21
N GLY A 113 -14.68 -4.78 14.06
CA GLY A 113 -15.51 -3.60 13.88
C GLY A 113 -15.67 -3.29 12.41
N GLY A 114 -16.65 -2.44 12.11
CA GLY A 114 -16.86 -1.97 10.74
C GLY A 114 -16.12 -0.70 10.35
N ARG A 115 -16.49 -0.14 9.20
CA ARG A 115 -15.78 1.06 8.74
C ARG A 115 -15.95 2.22 9.70
N GLY A 116 -17.14 2.39 10.28
CA GLY A 116 -17.33 3.46 11.26
C GLY A 116 -16.46 3.30 12.51
N ALA A 117 -16.31 2.06 12.94
CA ALA A 117 -15.49 1.78 14.09
C ALA A 117 -14.04 2.11 13.76
N PHE A 118 -13.62 1.76 12.55
CA PHE A 118 -12.24 2.07 12.17
C PHE A 118 -12.01 3.60 12.17
N ALA A 119 -12.95 4.33 11.56
CA ALA A 119 -12.92 5.79 11.58
C ALA A 119 -12.85 6.34 13.00
N THR A 120 -13.64 5.78 13.90
CA THR A 120 -13.69 6.30 15.27
C THR A 120 -12.33 6.05 15.88
N MET A 121 -11.80 4.87 15.60
CA MET A 121 -10.53 4.46 16.19
C MET A 121 -9.40 5.37 15.76
N VAL A 122 -9.31 5.66 14.45
N VAL A 122 -9.30 5.64 14.45
CA VAL A 122 -8.15 6.43 13.96
CA VAL A 122 -8.20 6.42 13.92
C VAL A 122 -8.29 7.92 14.26
C VAL A 122 -8.27 7.88 14.36
N HIS A 123 -9.47 8.33 14.70
CA HIS A 123 -9.71 9.71 15.13
C HIS A 123 -9.21 9.99 16.56
N ILE A 124 -9.01 8.95 17.35
CA ILE A 124 -8.57 9.15 18.73
C ILE A 124 -7.17 9.72 18.66
N PRO A 125 -6.90 10.81 19.39
CA PRO A 125 -5.60 11.46 19.32
C PRO A 125 -4.45 10.46 19.60
N GLY A 126 -3.44 10.45 18.74
CA GLY A 126 -2.27 9.60 18.88
C GLY A 126 -2.39 8.24 18.20
N VAL A 127 -3.61 7.80 17.95
CA VAL A 127 -3.86 6.41 17.54
C VAL A 127 -3.58 6.19 16.06
N GLY A 128 -3.98 7.14 15.23
CA GLY A 128 -3.79 6.95 13.80
C GLY A 128 -2.31 6.81 13.48
N GLU A 129 -1.50 7.65 14.10
CA GLU A 129 -0.06 7.62 13.87
C GLU A 129 0.55 6.30 14.31
N ARG A 130 0.08 5.79 15.45
CA ARG A 130 0.56 4.49 15.93
C ARG A 130 0.15 3.38 15.02
N LEU A 131 -1.09 3.41 14.58
CA LEU A 131 -1.56 2.36 13.70
C LEU A 131 -0.83 2.40 12.36
N LEU A 132 -0.43 3.59 11.90
CA LEU A 132 0.33 3.68 10.65
C LEU A 132 1.71 3.02 10.84
N ARG A 133 2.29 3.21 12.02
CA ARG A 133 3.58 2.59 12.32
CA ARG A 133 3.57 2.59 12.34
C ARG A 133 3.43 1.08 12.32
N THR A 134 2.30 0.59 12.82
CA THR A 134 2.03 -0.84 12.82
C THR A 134 1.83 -1.35 11.39
N ALA A 135 1.19 -0.54 10.55
CA ALA A 135 0.97 -0.91 9.15
C ALA A 135 2.33 -0.96 8.43
N ARG A 136 3.24 -0.08 8.83
CA ARG A 136 4.57 -0.05 8.27
C ARG A 136 5.28 -1.35 8.63
N GLN A 137 5.19 -1.71 9.91
CA GLN A 137 5.83 -2.93 10.41
C GLN A 137 5.25 -4.16 9.75
N ARG A 138 3.95 -4.15 9.50
CA ARG A 138 3.31 -5.26 8.81
C ARG A 138 3.93 -5.53 7.43
N LEU A 139 4.23 -4.46 6.72
CA LEU A 139 4.83 -4.60 5.39
C LEU A 139 6.29 -4.97 5.50
N ALA A 140 7.00 -4.22 6.33
CA ALA A 140 8.45 -4.36 6.41
C ALA A 140 8.84 -5.74 6.92
N ALA A 141 7.92 -6.43 7.55
CA ALA A 141 8.24 -7.74 8.11
C ALA A 141 8.46 -8.77 7.01
N PHE A 142 7.63 -8.73 5.97
CA PHE A 142 7.88 -9.61 4.82
C PHE A 142 8.38 -9.07 3.49
N VAL A 143 8.49 -7.75 3.33
CA VAL A 143 8.86 -7.23 2.02
C VAL A 143 10.27 -6.69 2.11
N SER A 144 11.21 -7.28 1.37
CA SER A 144 12.61 -6.88 1.49
C SER A 144 13.10 -6.19 0.22
N PRO A 145 14.06 -5.27 0.36
CA PRO A 145 14.50 -4.56 -0.84
C PRO A 145 15.26 -5.50 -1.76
N ILE A 146 15.34 -5.13 -3.03
CA ILE A 146 16.01 -5.95 -4.04
C ILE A 146 17.33 -5.26 -4.40
N PRO A 147 18.48 -5.92 -4.17
CA PRO A 147 19.73 -5.25 -4.52
C PRO A 147 19.89 -5.18 -6.03
N VAL A 148 20.24 -4.02 -6.55
CA VAL A 148 20.48 -3.94 -7.99
C VAL A 148 21.78 -3.23 -8.24
N ARG A 149 22.37 -3.48 -9.40
CA ARG A 149 23.64 -2.84 -9.72
C ARG A 149 23.56 -2.20 -11.09
N LEU A 150 23.86 -0.90 -11.16
CA LEU A 150 23.83 -0.20 -12.45
C LEU A 150 25.00 -0.58 -13.34
N ALA A 151 24.89 -0.28 -14.63
CA ALA A 151 26.00 -0.54 -15.56
C ALA A 151 27.34 0.14 -15.17
N ASP A 152 27.29 1.25 -14.41
CA ASP A 152 28.56 1.88 -13.99
C ASP A 152 29.07 1.26 -12.69
N GLY A 153 28.34 0.27 -12.18
CA GLY A 153 28.75 -0.45 -10.99
C GLY A 153 28.01 -0.01 -9.74
N THR A 154 27.27 1.09 -9.83
CA THR A 154 26.56 1.60 -8.64
C THR A 154 25.64 0.57 -8.00
N GLN A 155 25.80 0.38 -6.68
CA GLN A 155 25.03 -0.60 -5.95
C GLN A 155 23.86 0.09 -5.23
N LEU A 156 22.64 -0.33 -5.54
CA LEU A 156 21.44 0.31 -5.01
C LEU A 156 20.46 -0.72 -4.54
N MET A 157 19.41 -0.27 -3.84
CA MET A 157 18.32 -1.13 -3.46
C MET A 157 17.03 -0.56 -4.00
N LEU A 158 16.19 -1.46 -4.48
CA LEU A 158 14.83 -1.10 -4.94
C LEU A 158 13.83 -1.65 -3.96
N ARG A 159 12.95 -0.79 -3.49
CA ARG A 159 11.89 -1.22 -2.58
C ARG A 159 10.64 -0.37 -2.76
N PRO A 160 9.47 -0.90 -2.38
CA PRO A 160 8.31 -0.01 -2.41
C PRO A 160 8.50 1.03 -1.32
N VAL A 161 7.84 2.17 -1.46
CA VAL A 161 7.73 3.11 -0.38
C VAL A 161 7.10 2.36 0.81
N LEU A 162 7.45 2.74 2.02
CA LEU A 162 6.84 2.11 3.18
C LEU A 162 5.91 3.11 3.86
N PRO A 163 4.86 2.61 4.53
CA PRO A 163 3.92 3.56 5.15
C PRO A 163 4.63 4.54 6.06
N GLY A 164 4.31 5.82 5.89
CA GLY A 164 4.97 6.88 6.62
C GLY A 164 6.13 7.56 5.91
N ASP A 165 6.66 6.96 4.84
CA ASP A 165 7.81 7.48 4.07
C ASP A 165 7.41 8.76 3.35
N ARG A 166 8.33 9.71 3.23
CA ARG A 166 8.03 11.02 2.65
C ARG A 166 7.75 10.90 1.15
N GLU A 167 8.32 9.89 0.52
CA GLU A 167 8.21 9.74 -0.93
C GLU A 167 6.75 9.48 -1.29
N ARG A 168 5.95 9.09 -0.30
CA ARG A 168 4.53 8.93 -0.54
C ARG A 168 3.87 10.27 -0.85
N THR A 169 4.15 11.28 -0.03
CA THR A 169 3.50 12.57 -0.13
C THR A 169 4.26 13.69 -0.84
N VAL A 170 5.51 13.45 -1.20
CA VAL A 170 6.24 14.48 -1.92
C VAL A 170 6.29 14.05 -3.37
N HIS A 171 5.45 14.68 -4.16
CA HIS A 171 5.48 14.47 -5.58
C HIS A 171 5.05 15.82 -6.07
N GLY A 172 5.79 16.40 -6.98
CA GLY A 172 5.31 17.63 -7.59
C GLY A 172 4.81 17.50 -9.02
N HIS A 173 5.06 16.35 -9.66
CA HIS A 173 4.78 16.24 -11.10
C HIS A 173 3.31 15.96 -11.45
N ILE A 174 2.64 15.15 -10.65
CA ILE A 174 1.25 14.77 -10.95
C ILE A 174 0.30 15.52 -10.05
N GLN A 175 -0.82 16.00 -10.60
CA GLN A 175 -1.77 16.70 -9.76
C GLN A 175 -2.76 15.70 -9.18
N PHE A 176 -2.64 15.50 -7.87
CA PHE A 176 -3.47 14.58 -7.12
C PHE A 176 -3.03 14.67 -5.66
N SER A 177 -3.88 14.18 -4.76
CA SER A 177 -3.57 14.14 -3.35
C SER A 177 -4.34 13.00 -2.70
N GLY A 178 -4.15 12.80 -1.40
CA GLY A 178 -4.89 11.79 -0.65
C GLY A 178 -6.38 11.96 -0.75
N GLU A 179 -6.84 13.21 -0.66
CA GLU A 179 -8.27 13.48 -0.61
C GLU A 179 -8.93 13.30 -1.97
N THR A 180 -8.19 13.63 -3.02
CA THR A 180 -8.74 13.53 -4.36
C THR A 180 -8.70 12.08 -4.83
N LEU A 181 -7.66 11.37 -4.46
CA LEU A 181 -7.52 10.01 -4.92
C LEU A 181 -8.50 9.07 -4.21
N TYR A 182 -8.66 9.27 -2.91
CA TYR A 182 -9.48 8.38 -2.07
C TYR A 182 -10.89 8.84 -1.69
N ARG A 183 -11.26 10.03 -2.12
CA ARG A 183 -12.58 10.58 -1.83
C ARG A 183 -13.69 9.60 -2.20
N ARG A 184 -13.50 8.88 -3.30
CA ARG A 184 -14.53 7.96 -3.78
C ARG A 184 -14.86 6.87 -2.77
N PHE A 185 -13.93 6.60 -1.86
CA PHE A 185 -14.11 5.54 -0.86
C PHE A 185 -14.77 6.02 0.43
N MET A 186 -14.95 7.33 0.54
CA MET A 186 -15.58 7.89 1.72
C MET A 186 -16.74 8.82 1.40
N SER A 192 -13.19 13.08 6.27
CA SER A 192 -12.41 12.56 7.38
C SER A 192 -10.91 12.48 7.07
N PRO A 193 -10.16 13.51 7.50
CA PRO A 193 -8.72 13.58 7.22
C PRO A 193 -7.91 12.39 7.74
N ALA A 194 -8.14 11.96 8.97
CA ALA A 194 -7.34 10.90 9.59
C ALA A 194 -7.49 9.59 8.82
N LEU A 195 -8.72 9.28 8.45
CA LEU A 195 -8.98 8.08 7.69
C LEU A 195 -8.30 8.18 6.32
N MET A 196 -8.54 9.27 5.58
CA MET A 196 -7.94 9.40 4.25
C MET A 196 -6.42 9.32 4.30
N HIS A 197 -5.82 9.99 5.28
CA HIS A 197 -4.37 9.86 5.45
C HIS A 197 -3.93 8.40 5.60
N TYR A 198 -4.60 7.70 6.51
CA TYR A 198 -4.22 6.32 6.77
C TYR A 198 -4.29 5.51 5.48
N LEU A 199 -5.44 5.59 4.80
CA LEU A 199 -5.61 4.82 3.57
C LEU A 199 -4.57 5.19 2.53
N SER A 200 -4.20 6.46 2.43
CA SER A 200 -3.25 6.84 1.40
C SER A 200 -1.88 6.28 1.69
N GLU A 201 -1.54 6.18 2.97
CA GLU A 201 -0.25 5.65 3.34
C GLU A 201 -0.12 4.14 3.16
N VAL A 202 -1.24 3.43 3.25
CA VAL A 202 -1.21 1.98 3.16
C VAL A 202 -1.60 1.42 1.80
N ASP A 203 -1.98 2.31 0.90
CA ASP A 203 -2.49 1.91 -0.42
C ASP A 203 -1.42 1.66 -1.46
N TYR A 204 -1.39 0.44 -1.97
CA TYR A 204 -0.63 0.10 -3.18
C TYR A 204 -1.41 -0.12 -4.47
N VAL A 205 -2.73 -0.01 -4.38
CA VAL A 205 -3.61 -0.27 -5.50
C VAL A 205 -3.79 0.90 -6.47
N ASP A 206 -4.10 2.08 -5.94
CA ASP A 206 -4.26 3.25 -6.80
C ASP A 206 -3.07 4.19 -6.90
N HIS A 207 -2.12 4.05 -5.97
CA HIS A 207 -0.93 4.88 -6.03
C HIS A 207 0.20 3.95 -5.64
N PHE A 208 1.11 3.66 -6.57
CA PHE A 208 2.15 2.72 -6.28
C PHE A 208 3.44 3.48 -6.44
N VAL A 209 4.30 3.40 -5.43
CA VAL A 209 5.58 4.11 -5.45
C VAL A 209 6.76 3.19 -5.20
N TRP A 210 7.71 3.18 -6.14
CA TRP A 210 9.03 2.54 -5.92
C TRP A 210 10.02 3.60 -5.47
N VAL A 211 10.90 3.20 -4.55
CA VAL A 211 11.99 4.04 -4.09
C VAL A 211 13.31 3.29 -4.27
N VAL A 212 14.33 4.03 -4.68
CA VAL A 212 15.66 3.48 -4.85
C VAL A 212 16.57 4.15 -3.88
N THR A 213 17.35 3.35 -3.15
CA THR A 213 18.22 3.90 -2.13
C THR A 213 19.69 3.50 -2.40
N ASP A 214 20.58 4.38 -1.95
CA ASP A 214 22.01 4.14 -1.90
C ASP A 214 22.43 4.30 -0.45
N GLY A 215 22.91 3.23 0.17
CA GLY A 215 23.29 3.32 1.57
C GLY A 215 22.14 3.79 2.46
N SER A 216 20.95 3.30 2.13
CA SER A 216 19.70 3.60 2.85
C SER A 216 19.11 4.99 2.62
N ASP A 217 19.79 5.82 1.84
CA ASP A 217 19.27 7.14 1.48
C ASP A 217 18.56 7.13 0.11
N PRO A 218 17.32 7.68 0.05
CA PRO A 218 16.63 7.68 -1.25
C PRO A 218 17.36 8.52 -2.29
N VAL A 219 17.64 7.89 -3.42
CA VAL A 219 18.15 8.55 -4.61
C VAL A 219 17.23 8.69 -5.80
N ALA A 220 16.02 8.11 -5.71
CA ALA A 220 15.13 8.20 -6.86
C ALA A 220 13.83 7.61 -6.39
N ASP A 221 12.77 7.96 -7.10
CA ASP A 221 11.48 7.33 -6.89
C ASP A 221 10.71 7.40 -8.20
N ALA A 222 9.70 6.55 -8.31
CA ALA A 222 8.85 6.54 -9.47
C ALA A 222 7.50 6.07 -8.99
N ARG A 223 6.45 6.43 -9.69
CA ARG A 223 5.15 6.03 -9.21
C ARG A 223 4.17 6.01 -10.35
N PHE A 224 3.05 5.32 -10.14
CA PHE A 224 1.90 5.50 -11.04
C PHE A 224 0.70 5.83 -10.17
N VAL A 225 -0.18 6.66 -10.73
CA VAL A 225 -1.41 7.04 -10.06
C VAL A 225 -2.56 6.62 -10.97
N ARG A 226 -3.42 5.75 -10.46
CA ARG A 226 -4.52 5.23 -11.23
C ARG A 226 -5.54 6.30 -11.57
N ASP A 227 -5.95 6.32 -12.83
CA ASP A 227 -6.98 7.25 -13.29
C ASP A 227 -8.34 6.91 -12.69
N GLU A 228 -9.05 7.92 -12.21
CA GLU A 228 -10.35 7.68 -11.60
C GLU A 228 -11.39 7.28 -12.65
N THR A 229 -11.29 7.82 -13.86
CA THR A 229 -12.28 7.50 -14.90
C THR A 229 -12.03 6.15 -15.60
N ASP A 230 -10.76 5.86 -15.90
CA ASP A 230 -10.40 4.59 -16.54
C ASP A 230 -9.35 3.84 -15.72
N PRO A 231 -9.81 2.92 -14.86
CA PRO A 231 -8.97 2.15 -13.95
C PRO A 231 -7.80 1.42 -14.63
N THR A 232 -7.86 1.17 -15.94
CA THR A 232 -6.76 0.48 -16.62
C THR A 232 -5.63 1.44 -17.01
N VAL A 233 -5.82 2.72 -16.74
CA VAL A 233 -4.82 3.74 -17.07
C VAL A 233 -4.25 4.38 -15.82
N ALA A 234 -2.94 4.60 -15.81
CA ALA A 234 -2.34 5.37 -14.72
C ALA A 234 -1.34 6.38 -15.27
N GLU A 235 -1.24 7.52 -14.60
CA GLU A 235 -0.21 8.49 -14.93
C GLU A 235 1.07 8.15 -14.18
N ILE A 236 2.20 8.37 -14.84
CA ILE A 236 3.49 7.99 -14.23
C ILE A 236 4.39 9.20 -13.98
N ALA A 237 5.29 9.05 -13.00
CA ALA A 237 6.24 10.10 -12.74
C ALA A 237 7.53 9.50 -12.16
N PHE A 238 8.63 10.19 -12.42
CA PHE A 238 9.96 9.72 -11.99
C PHE A 238 10.77 10.89 -11.49
N THR A 239 11.58 10.66 -10.46
N THR A 239 11.52 10.68 -10.42
CA THR A 239 12.54 11.65 -10.03
CA THR A 239 12.58 11.61 -10.09
C THR A 239 13.82 10.97 -9.56
C THR A 239 13.82 10.84 -9.77
N VAL A 240 14.96 11.46 -10.07
CA VAL A 240 16.25 10.88 -9.74
C VAL A 240 17.09 12.03 -9.25
N ALA A 241 17.76 11.85 -8.12
CA ALA A 241 18.60 12.89 -7.53
C ALA A 241 19.65 13.30 -8.58
N ASP A 242 20.01 14.58 -8.59
CA ASP A 242 20.85 15.14 -9.64
C ASP A 242 22.15 14.34 -9.86
N ALA A 243 22.85 14.05 -8.78
CA ALA A 243 24.15 13.38 -8.87
C ALA A 243 23.99 11.96 -9.45
N TYR A 244 22.78 11.43 -9.39
CA TYR A 244 22.52 10.04 -9.82
C TYR A 244 21.92 9.92 -11.21
N GLN A 245 21.70 11.05 -11.85
CA GLN A 245 21.05 11.03 -13.15
C GLN A 245 21.97 10.50 -14.24
N GLY A 246 21.36 9.96 -15.29
CA GLY A 246 22.10 9.52 -16.46
C GLY A 246 22.83 8.20 -16.32
N ARG A 247 22.52 7.51 -15.22
CA ARG A 247 23.08 6.20 -14.95
C ARG A 247 22.17 5.03 -15.29
N GLY A 248 20.99 5.31 -15.84
CA GLY A 248 20.07 4.24 -16.18
C GLY A 248 18.99 3.96 -15.14
N ILE A 249 18.93 4.78 -14.10
CA ILE A 249 17.94 4.53 -13.06
C ILE A 249 16.53 4.74 -13.60
N GLY A 250 16.31 5.84 -14.30
CA GLY A 250 14.98 6.11 -14.86
C GLY A 250 14.55 4.99 -15.80
N SER A 251 15.47 4.56 -16.67
CA SER A 251 15.21 3.44 -17.59
C SER A 251 14.84 2.18 -16.80
N PHE A 252 15.54 1.95 -15.69
CA PHE A 252 15.22 0.78 -14.85
C PHE A 252 13.83 0.94 -14.19
N LEU A 253 13.55 2.12 -13.66
CA LEU A 253 12.31 2.32 -12.93
C LEU A 253 11.08 2.18 -13.79
N ILE A 254 11.13 2.54 -15.08
CA ILE A 254 9.89 2.41 -15.84
C ILE A 254 9.62 0.92 -16.02
N GLY A 255 10.71 0.15 -16.05
CA GLY A 255 10.56 -1.32 -16.10
C GLY A 255 9.95 -1.84 -14.80
N ALA A 256 10.52 -1.44 -13.66
CA ALA A 256 9.98 -1.84 -12.36
C ALA A 256 8.51 -1.42 -12.21
N LEU A 257 8.22 -0.18 -12.62
CA LEU A 257 6.87 0.32 -12.57
C LEU A 257 5.92 -0.49 -13.44
N SER A 258 6.38 -0.95 -14.61
CA SER A 258 5.56 -1.79 -15.49
C SER A 258 5.24 -3.14 -14.86
N VAL A 259 6.20 -3.72 -14.16
CA VAL A 259 5.97 -5.00 -13.49
C VAL A 259 4.89 -4.82 -12.42
N ALA A 260 5.00 -3.74 -11.64
CA ALA A 260 4.01 -3.48 -10.59
C ALA A 260 2.65 -3.17 -11.23
N ALA A 261 2.66 -2.41 -12.32
CA ALA A 261 1.37 -2.10 -12.95
C ALA A 261 0.60 -3.33 -13.41
N ARG A 262 1.31 -4.30 -13.98
CA ARG A 262 0.70 -5.55 -14.43
C ARG A 262 0.00 -6.21 -13.25
N VAL A 263 0.72 -6.33 -12.12
CA VAL A 263 0.09 -6.90 -10.93
C VAL A 263 -1.18 -6.12 -10.55
N ASP A 264 -1.11 -4.80 -10.71
CA ASP A 264 -2.21 -3.92 -10.30
C ASP A 264 -3.31 -3.76 -11.35
N GLY A 265 -3.18 -4.46 -12.48
CA GLY A 265 -4.20 -4.40 -13.51
C GLY A 265 -4.18 -3.10 -14.30
N VAL A 266 -3.05 -2.40 -14.29
CA VAL A 266 -2.90 -1.20 -15.10
C VAL A 266 -2.33 -1.55 -16.46
N GLU A 267 -3.14 -1.34 -17.50
CA GLU A 267 -2.80 -1.66 -18.88
C GLU A 267 -2.04 -0.60 -19.69
N ARG A 268 -2.17 0.67 -19.28
CA ARG A 268 -1.62 1.78 -20.04
C ARG A 268 -1.09 2.88 -19.12
N PHE A 269 0.05 3.47 -19.49
CA PHE A 269 0.61 4.61 -18.78
C PHE A 269 0.44 5.92 -19.56
N ALA A 270 0.05 6.98 -18.87
CA ALA A 270 0.02 8.34 -19.42
C ALA A 270 1.24 9.08 -18.90
N ALA A 271 1.90 9.87 -19.73
CA ALA A 271 3.04 10.67 -19.25
C ALA A 271 2.98 12.06 -19.86
N ARG A 272 3.30 13.08 -19.05
CA ARG A 272 3.45 14.44 -19.51
C ARG A 272 4.81 14.97 -19.08
N MET A 273 5.40 15.89 -19.84
CA MET A 273 6.70 16.44 -19.50
C MET A 273 6.91 17.67 -20.38
N LEU A 274 8.00 18.40 -20.17
CA LEU A 274 8.33 19.48 -21.06
C LEU A 274 8.96 18.84 -22.29
N SER A 275 8.78 19.50 -23.44
CA SER A 275 9.19 18.93 -24.71
C SER A 275 10.68 18.80 -24.78
N ASP A 276 11.37 19.59 -23.97
CA ASP A 276 12.84 19.53 -23.91
C ASP A 276 13.45 18.56 -22.86
N ASN A 277 12.63 17.71 -22.24
CA ASN A 277 13.22 16.84 -21.25
C ASN A 277 13.67 15.61 -22.05
N VAL A 278 14.94 15.61 -22.38
CA VAL A 278 15.47 14.64 -23.32
C VAL A 278 15.53 13.25 -22.74
N PRO A 279 16.05 13.12 -21.51
CA PRO A 279 16.13 11.76 -20.95
C PRO A 279 14.73 11.15 -20.76
N MET A 280 13.76 11.95 -20.33
CA MET A 280 12.42 11.41 -20.10
C MET A 280 11.70 11.07 -21.41
N ARG A 281 11.83 11.92 -22.42
CA ARG A 281 11.34 11.59 -23.76
C ARG A 281 11.99 10.32 -24.28
N THR A 282 13.31 10.22 -24.12
CA THR A 282 14.00 9.06 -24.64
C THR A 282 13.49 7.81 -23.98
N ILE A 283 13.26 7.87 -22.67
CA ILE A 283 12.77 6.69 -21.96
C ILE A 283 11.44 6.22 -22.58
N MET A 284 10.57 7.18 -22.87
CA MET A 284 9.24 6.86 -23.41
C MET A 284 9.35 6.42 -24.85
N ASP A 285 10.29 7.02 -25.58
CA ASP A 285 10.54 6.63 -26.96
C ASP A 285 10.81 5.13 -27.10
N ARG A 286 11.47 4.53 -26.10
CA ARG A 286 11.80 3.11 -26.17
C ARG A 286 10.56 2.23 -26.12
N TYR A 287 9.48 2.79 -25.60
CA TYR A 287 8.21 2.10 -25.48
C TYR A 287 7.16 2.39 -26.57
N GLY A 288 7.57 3.14 -27.60
CA GLY A 288 6.74 3.39 -28.76
C GLY A 288 5.90 4.64 -28.64
N ALA A 289 6.33 5.56 -27.77
CA ALA A 289 5.60 6.79 -27.54
C ALA A 289 5.27 7.53 -28.83
N VAL A 290 4.02 7.94 -28.92
CA VAL A 290 3.57 8.90 -29.93
C VAL A 290 3.26 10.21 -29.18
N TRP A 291 3.97 11.26 -29.54
CA TRP A 291 3.84 12.51 -28.79
C TRP A 291 2.71 13.40 -29.31
N GLN A 292 1.92 13.92 -28.38
CA GLN A 292 0.93 14.94 -28.70
C GLN A 292 1.39 16.24 -28.04
N ARG A 293 1.21 17.33 -28.75
CA ARG A 293 1.67 18.63 -28.26
C ARG A 293 0.55 19.33 -27.50
N GLU A 294 0.89 19.90 -26.35
CA GLU A 294 -0.04 20.76 -25.63
C GLU A 294 0.59 22.12 -25.41
N ASP A 295 -0.13 23.01 -24.75
CA ASP A 295 0.35 24.39 -24.58
C ASP A 295 1.47 24.51 -23.55
N VAL A 296 2.21 25.61 -23.66
CA VAL A 296 3.23 25.97 -22.67
C VAL A 296 4.37 24.94 -22.60
N GLY A 297 4.82 24.49 -23.78
CA GLY A 297 6.00 23.65 -23.89
C GLY A 297 5.83 22.24 -23.39
N VAL A 298 4.58 21.80 -23.24
CA VAL A 298 4.32 20.45 -22.74
C VAL A 298 4.04 19.44 -23.85
N ILE A 299 4.52 18.22 -23.67
CA ILE A 299 4.11 17.14 -24.55
C ILE A 299 3.58 15.98 -23.71
N THR A 300 2.63 15.23 -24.28
N THR A 300 2.63 15.23 -24.29
CA THR A 300 2.05 14.09 -23.58
CA THR A 300 2.07 14.08 -23.60
C THR A 300 2.08 12.85 -24.47
C THR A 300 2.11 12.83 -24.48
N THR A 301 1.99 11.69 -23.84
CA THR A 301 1.87 10.45 -24.58
C THR A 301 1.12 9.43 -23.77
N MET A 302 0.69 8.37 -24.45
CA MET A 302 0.13 7.20 -23.76
C MET A 302 0.72 5.93 -24.35
N ILE A 303 1.30 5.08 -23.50
CA ILE A 303 1.87 3.81 -23.96
C ILE A 303 1.20 2.62 -23.29
N ASP A 304 1.30 1.47 -23.94
CA ASP A 304 0.84 0.23 -23.34
C ASP A 304 1.88 -0.18 -22.32
N VAL A 305 1.44 -0.74 -21.20
CA VAL A 305 2.38 -1.25 -20.24
C VAL A 305 2.98 -2.50 -20.90
N PRO A 306 4.32 -2.52 -21.08
CA PRO A 306 4.95 -3.67 -21.73
C PRO A 306 4.61 -4.98 -21.05
N GLY A 307 4.28 -6.00 -21.83
CA GLY A 307 3.96 -7.32 -21.29
C GLY A 307 5.19 -8.09 -20.84
N PRO A 308 4.98 -9.34 -20.39
CA PRO A 308 6.12 -10.18 -20.00
C PRO A 308 6.98 -10.46 -21.23
N GLY A 309 8.30 -10.41 -21.05
CA GLY A 309 9.23 -10.67 -22.13
C GLY A 309 9.56 -9.40 -22.90
N GLU A 310 8.69 -8.40 -22.76
CA GLU A 310 8.84 -7.15 -23.51
C GLU A 310 9.84 -6.18 -22.90
N LEU A 311 10.01 -6.27 -21.58
CA LEU A 311 10.89 -5.36 -20.88
C LEU A 311 12.34 -5.76 -21.13
N SER A 312 13.25 -4.78 -21.09
CA SER A 312 14.67 -5.09 -21.37
C SER A 312 15.38 -5.62 -20.11
N LEU A 313 14.63 -5.73 -19.02
CA LEU A 313 15.17 -6.27 -17.78
C LEU A 313 15.30 -7.77 -17.87
N GLY A 314 16.33 -8.32 -17.22
CA GLY A 314 16.48 -9.76 -17.20
C GLY A 314 15.28 -10.48 -16.59
N ARG A 315 15.11 -11.74 -16.95
CA ARG A 315 14.01 -12.54 -16.43
C ARG A 315 14.07 -12.65 -14.91
N GLU A 316 15.29 -12.79 -14.39
CA GLU A 316 15.47 -12.96 -12.94
C GLU A 316 15.09 -11.67 -12.22
N MET A 317 15.53 -10.54 -12.77
CA MET A 317 15.15 -9.23 -12.24
C MET A 317 13.63 -9.07 -12.23
N VAL A 318 13.00 -9.36 -13.37
CA VAL A 318 11.54 -9.27 -13.42
C VAL A 318 10.85 -10.13 -12.35
N ASP A 319 11.28 -11.37 -12.21
CA ASP A 319 10.70 -12.23 -11.18
C ASP A 319 10.86 -11.68 -9.76
N GLN A 320 12.02 -11.11 -9.45
CA GLN A 320 12.22 -10.52 -8.12
C GLN A 320 11.28 -9.32 -7.89
N ILE A 321 11.17 -8.44 -8.89
CA ILE A 321 10.30 -7.30 -8.78
C ILE A 321 8.83 -7.74 -8.69
N ASN A 322 8.47 -8.75 -9.48
CA ASN A 322 7.08 -9.24 -9.47
C ASN A 322 6.72 -9.80 -8.08
N ARG A 323 7.67 -10.51 -7.47
CA ARG A 323 7.45 -11.08 -6.13
C ARG A 323 7.10 -9.97 -5.15
N VAL A 324 7.94 -8.96 -5.11
CA VAL A 324 7.68 -7.83 -4.22
C VAL A 324 6.39 -7.10 -4.53
N ALA A 325 6.11 -6.91 -5.81
CA ALA A 325 4.89 -6.20 -6.15
C ALA A 325 3.66 -6.99 -5.68
N ARG A 326 3.70 -8.30 -5.84
CA ARG A 326 2.58 -9.09 -5.37
C ARG A 326 2.47 -9.03 -3.84
N GLN A 327 3.60 -9.03 -3.16
CA GLN A 327 3.58 -8.96 -1.71
C GLN A 327 2.89 -7.71 -1.22
N VAL A 328 3.27 -6.57 -1.78
CA VAL A 328 2.71 -5.32 -1.26
C VAL A 328 1.28 -5.06 -1.75
N ILE A 329 0.95 -5.47 -2.96
CA ILE A 329 -0.41 -5.28 -3.46
C ILE A 329 -1.44 -6.30 -2.95
N GLU A 330 -1.07 -7.57 -3.06
CA GLU A 330 -1.97 -8.69 -2.83
C GLU A 330 -2.18 -9.27 -1.44
N ALA A 331 -1.13 -9.28 -0.63
CA ALA A 331 -1.18 -10.06 0.60
C ALA A 331 -1.66 -9.22 1.77
N VAL A 332 -0.87 -8.20 2.10
CA VAL A 332 -1.08 -7.40 3.29
C VAL A 332 -2.31 -6.50 3.21
N GLY A 333 -3.04 -6.45 4.31
N GLY A 333 -4.44 -6.51 5.04
CA GLY A 333 -4.29 -5.74 4.41
CA GLY A 333 -5.13 -5.22 4.98
C GLY A 333 -5.11 -6.34 5.54
C GLY A 333 -6.61 -5.36 4.65
N1A ACO B . 21.69 13.14 -24.72
C2A ACO B . 21.08 12.10 -25.32
N3A ACO B . 20.48 11.12 -24.60
C4A ACO B . 20.51 11.17 -23.24
C5A ACO B . 21.16 12.22 -22.60
C6A ACO B . 21.76 13.21 -23.38
N6A ACO B . 22.47 14.36 -22.72
N7A ACO B . 21.01 12.03 -21.26
C8A ACO B . 20.34 10.89 -21.04
N9A ACO B . 20.03 10.37 -22.24
C1B ACO B . 19.28 9.14 -22.48
C2B ACO B . 19.96 7.92 -21.91
O2B ACO B . 20.98 7.53 -22.76
C3B ACO B . 18.86 6.94 -21.92
O3B ACO B . 18.65 6.49 -23.22
P3B ACO B . 18.79 4.99 -23.66
O7A ACO B . 17.47 4.31 -23.76
O8A ACO B . 19.46 5.06 -24.99
O9A ACO B . 19.63 4.22 -22.68
C4B ACO B . 17.68 7.77 -21.52
O4B ACO B . 18.02 9.16 -21.85
C5B ACO B . 17.37 7.73 -20.07
O5B ACO B . 18.51 7.77 -19.27
P1A ACO B . 18.50 7.40 -17.71
O1A ACO B . 17.64 6.15 -17.54
O2A ACO B . 19.94 7.44 -17.29
O3A ACO B . 17.80 8.68 -17.10
P2A ACO B . 17.65 9.12 -15.61
O4A ACO B . 18.04 7.99 -14.67
O5A ACO B . 18.46 10.39 -15.49
O6A ACO B . 16.17 9.45 -15.44
CBP ACO B . 14.73 11.48 -15.39
CCP ACO B . 15.57 10.42 -16.21
CDP ACO B . 13.63 10.78 -14.56
CEP ACO B . 14.13 12.49 -16.38
CAP ACO B . 15.75 12.09 -14.39
OAP ACO B . 16.80 12.59 -15.13
C9P ACO B . 15.18 13.22 -13.48
O9P ACO B . 14.70 13.01 -12.42
N8P ACO B . 15.28 14.58 -14.00
C7P ACO B . 14.76 15.65 -13.13
C6P ACO B . 13.28 15.57 -12.83
C5P ACO B . 12.41 15.18 -14.04
O5P ACO B . 12.49 15.80 -15.09
N4P ACO B . 11.58 14.07 -13.90
C3P ACO B . 10.75 13.65 -14.97
C2P ACO B . 9.41 14.37 -14.99
S1P ACO B . 8.39 13.93 -16.38
C ACO B . 7.74 12.34 -15.95
O ACO B . 8.01 11.93 -14.81
CH3 ACO B . 6.78 11.63 -16.80
C ACT C . 8.43 17.94 -14.55
O ACT C . 7.86 17.71 -15.65
OXT ACT C . 7.80 17.63 -13.49
CH3 ACT C . 9.80 18.54 -14.54
C1 EDO D . 14.27 12.13 -4.67
O1 EDO D . 15.45 12.22 -5.48
C2 EDO D . 13.95 10.65 -4.48
O2 EDO D . 12.90 10.50 -3.51
C1 EDO E . 14.67 0.46 -22.85
O1 EDO E . 15.98 1.03 -23.00
C2 EDO E . 14.39 -0.47 -24.02
O2 EDO E . 13.19 -1.22 -23.77
C1 EDO F . 16.04 19.41 -25.96
O1 EDO F . 17.43 19.29 -26.34
C2 EDO F . 15.15 19.68 -27.15
O2 EDO F . 13.94 18.93 -27.08
C1 EDO G . 8.20 14.97 -8.18
O1 EDO G . 8.09 16.28 -8.78
C2 EDO G . 6.97 14.14 -8.53
O2 EDO G . 7.27 12.87 -9.11
C1 PEG H . 9.20 10.53 -31.31
O1 PEG H . 8.35 10.02 -32.28
C2 PEG H . 9.34 12.02 -31.17
O2 PEG H . 10.48 12.46 -30.55
C3 PEG H . 10.84 11.89 -29.33
C4 PEG H . 11.98 12.49 -28.59
O4 PEG H . 13.20 12.56 -29.22
C1 PEG I . 23.04 8.69 -19.96
O1 PEG I . 24.02 9.29 -19.17
C2 PEG I . 23.45 7.59 -20.89
O2 PEG I . 22.58 6.52 -21.01
C3 PEG I . 22.77 5.55 -21.99
C4 PEG I . 22.06 4.24 -21.93
O4 PEG I . 22.29 3.32 -22.93
MG MG J . 26.60 3.31 -1.95
#